data_8GN4
#
_entry.id   8GN4
#
_cell.length_a   30.866
_cell.length_b   32.665
_cell.length_c   36.105
_cell.angle_alpha   105.990
_cell.angle_beta   90.460
_cell.angle_gamma   105.210
#
_symmetry.space_group_name_H-M   'P 1'
#
loop_
_entity.id
_entity.type
_entity.pdbx_description
1 polymer 'Zinc finger and BTB domain-containing protein 10'
2 polymer "DNA (5'-D(*TP*TP*AP*GP*GP*GP*TP*TP*AP*TP*A)-3')"
3 polymer "DNA (5'-D(*AP*TP*AP*TP*AP*AP*CP*CP*CP*TP*A)-3')"
4 non-polymer 'ZINC ION'
5 water water
#
loop_
_entity_poly.entity_id
_entity_poly.type
_entity_poly.pdbx_seq_one_letter_code
_entity_poly.pdbx_strand_id
1 'polypeptide(L)' GESSLIMNKLKCPHCSYVAKYRRTLKRHLLIHTGVRSFSCDICGKLFTRREHVKQHSLVHKKDKKYK A
2 'polydeoxyribonucleotide' (DT)(DT)(DA)(DG)(DG)(DG)(DT)(DT)(DA)(DT)(DA) B
3 'polydeoxyribonucleotide' (DA)(DT)(DA)(DT)(DA)(DA)(DC)(DC)(DC)(DT)(DA) C
#
# COMPACT_ATOMS: atom_id res chain seq x y z
N ASN A 8 -14.22 -11.03 13.32
CA ASN A 8 -13.90 -9.61 13.46
C ASN A 8 -13.58 -9.00 12.10
N LYS A 9 -14.44 -8.08 11.65
CA LYS A 9 -14.28 -7.48 10.34
C LYS A 9 -13.11 -6.49 10.27
N LEU A 10 -12.47 -6.19 11.40
CA LEU A 10 -11.30 -5.32 11.41
C LEU A 10 -9.98 -6.10 11.48
N LYS A 11 -10.05 -7.43 11.56
CA LYS A 11 -8.85 -8.25 11.66
C LYS A 11 -8.42 -8.73 10.28
N CYS A 12 -7.12 -8.66 10.02
CA CYS A 12 -6.59 -9.19 8.77
C CYS A 12 -6.75 -10.71 8.74
N PRO A 13 -7.21 -11.27 7.61
CA PRO A 13 -7.32 -12.73 7.51
C PRO A 13 -5.99 -13.44 7.33
N HIS A 14 -4.89 -12.70 7.14
CA HIS A 14 -3.59 -13.28 6.86
C HIS A 14 -2.57 -13.05 7.96
N CYS A 15 -2.86 -12.19 8.93
CA CYS A 15 -1.92 -11.95 10.03
C CYS A 15 -2.71 -11.43 11.23
N SER A 16 -2.00 -11.16 12.32
CA SER A 16 -2.63 -10.75 13.57
C SER A 16 -3.00 -9.27 13.60
N TYR A 17 -2.76 -8.53 12.51
CA TYR A 17 -3.06 -7.10 12.50
C TYR A 17 -4.55 -6.85 12.65
N VAL A 18 -4.88 -5.89 13.50
CA VAL A 18 -6.26 -5.46 13.72
C VAL A 18 -6.31 -3.95 13.55
N ALA A 19 -7.09 -3.49 12.57
CA ALA A 19 -7.17 -2.08 12.26
C ALA A 19 -8.20 -1.38 13.15
N LYS A 20 -8.00 -0.07 13.33
CA LYS A 20 -9.01 0.73 14.02
C LYS A 20 -10.20 1.01 13.12
N TYR A 21 -9.94 1.25 11.84
CA TYR A 21 -10.97 1.54 10.86
C TYR A 21 -10.93 0.52 9.74
N ARG A 22 -12.10 0.27 9.13
CA ARG A 22 -12.19 -0.71 8.06
C ARG A 22 -11.33 -0.30 6.86
N ARG A 23 -11.25 1.00 6.57
CA ARG A 23 -10.49 1.46 5.42
C ARG A 23 -8.99 1.20 5.60
N THR A 24 -8.51 1.21 6.84
CA THR A 24 -7.10 0.94 7.10
C THR A 24 -6.76 -0.54 6.97
N LEU A 25 -7.73 -1.42 7.26
CA LEU A 25 -7.52 -2.84 7.01
C LEU A 25 -7.45 -3.12 5.51
N LYS A 26 -8.35 -2.52 4.73
CA LYS A 26 -8.33 -2.71 3.28
C LYS A 26 -7.01 -2.25 2.67
N ARG A 27 -6.47 -1.13 3.16
CA ARG A 27 -5.15 -0.70 2.71
C ARG A 27 -4.07 -1.69 3.14
N HIS A 28 -4.21 -2.25 4.34
CA HIS A 28 -3.22 -3.18 4.85
C HIS A 28 -3.18 -4.48 4.06
N LEU A 29 -4.33 -4.90 3.51
CA LEU A 29 -4.39 -6.15 2.75
C LEU A 29 -3.39 -6.17 1.61
N LEU A 30 -3.02 -4.99 1.08
CA LEU A 30 -2.11 -4.93 -0.05
C LEU A 30 -0.72 -5.45 0.28
N ILE A 31 -0.35 -5.52 1.56
CA ILE A 31 0.96 -6.07 1.91
C ILE A 31 0.99 -7.56 1.64
N HIS A 32 -0.16 -8.23 1.66
CA HIS A 32 -0.22 -9.66 1.45
C HIS A 32 -0.44 -10.05 -0.01
N THR A 33 -1.05 -9.16 -0.81
CA THR A 33 -1.25 -9.43 -2.22
C THR A 33 -0.09 -8.96 -3.08
N GLY A 34 0.71 -8.01 -2.61
CA GLY A 34 1.84 -7.52 -3.38
C GLY A 34 1.47 -6.62 -4.54
N VAL A 35 0.23 -6.18 -4.64
CA VAL A 35 -0.19 -5.34 -5.76
C VAL A 35 0.42 -3.96 -5.62
N ARG A 36 1.05 -3.50 -6.70
CA ARG A 36 1.65 -2.16 -6.76
C ARG A 36 1.10 -1.47 -8.01
N SER A 37 0.05 -0.67 -7.82
CA SER A 37 -0.69 -0.08 -8.93
C SER A 37 -0.14 1.27 -9.37
N PHE A 38 0.86 1.80 -8.71
CA PHE A 38 1.44 3.10 -9.06
C PHE A 38 2.88 2.93 -9.50
N SER A 39 3.32 3.80 -10.40
CA SER A 39 4.66 3.72 -10.96
C SER A 39 5.24 5.12 -11.14
N CYS A 40 6.56 5.20 -11.14
CA CYS A 40 7.28 6.42 -11.47
C CYS A 40 7.52 6.46 -12.97
N ASP A 41 7.09 7.55 -13.62
CA ASP A 41 7.21 7.66 -15.06
C ASP A 41 8.65 7.82 -15.51
N ILE A 42 9.55 8.27 -14.63
CA ILE A 42 10.93 8.51 -15.03
C ILE A 42 11.74 7.21 -15.01
N CYS A 43 11.71 6.48 -13.88
CA CYS A 43 12.56 5.30 -13.74
C CYS A 43 11.81 3.98 -13.81
N GLY A 44 10.48 4.00 -13.75
CA GLY A 44 9.70 2.79 -13.91
C GLY A 44 9.47 1.98 -12.66
N LYS A 45 9.94 2.46 -11.51
CA LYS A 45 9.74 1.73 -10.27
C LYS A 45 8.27 1.75 -9.85
N LEU A 46 7.83 0.67 -9.22
CA LEU A 46 6.45 0.49 -8.82
C LEU A 46 6.27 0.83 -7.34
N PHE A 47 5.07 1.31 -6.99
CA PHE A 47 4.77 1.75 -5.64
C PHE A 47 3.36 1.31 -5.26
N THR A 48 3.15 1.13 -3.96
CA THR A 48 1.85 0.68 -3.46
C THR A 48 0.86 1.81 -3.27
N ARG A 49 1.33 3.01 -2.95
CA ARG A 49 0.47 4.18 -2.78
C ARG A 49 0.94 5.29 -3.71
N ARG A 50 0.01 6.19 -4.06
CA ARG A 50 0.39 7.33 -4.89
C ARG A 50 1.19 8.35 -4.10
N GLU A 51 1.01 8.40 -2.78
CA GLU A 51 1.86 9.25 -1.96
C GLU A 51 3.30 8.78 -1.98
N HIS A 52 3.52 7.48 -2.18
CA HIS A 52 4.88 6.96 -2.28
C HIS A 52 5.58 7.46 -3.53
N VAL A 53 4.83 7.60 -4.64
CA VAL A 53 5.41 8.12 -5.87
C VAL A 53 5.89 9.55 -5.64
N LYS A 54 5.02 10.40 -5.06
CA LYS A 54 5.41 11.77 -4.77
C LYS A 54 6.61 11.83 -3.85
N GLN A 55 6.65 10.96 -2.84
CA GLN A 55 7.81 10.87 -1.96
C GLN A 55 9.05 10.47 -2.74
N HIS A 56 8.91 9.54 -3.69
CA HIS A 56 10.03 9.05 -4.47
C HIS A 56 10.51 10.06 -5.51
N SER A 57 9.61 10.93 -5.98
CA SER A 57 9.95 11.85 -7.05
C SER A 57 11.11 12.78 -6.69
N LEU A 58 11.44 12.91 -5.41
CA LEU A 58 12.49 13.82 -4.99
C LEU A 58 13.88 13.35 -5.41
N VAL A 59 14.05 12.07 -5.71
CA VAL A 59 15.32 11.60 -6.24
C VAL A 59 15.55 12.06 -7.67
N HIS A 60 14.52 12.57 -8.34
CA HIS A 60 14.65 13.06 -9.71
C HIS A 60 14.64 14.59 -9.73
#